data_8OK1
#
_entry.id   8OK1
#
_cell.length_a   78.498
_cell.length_b   98.134
_cell.length_c   80.055
_cell.angle_alpha   90.00
_cell.angle_beta   90.00
_cell.angle_gamma   90.00
#
_symmetry.space_group_name_H-M   'C 2 2 21'
#
loop_
_entity.id
_entity.type
_entity.pdbx_description
1 polymer 'Glutathione S-transferase class-mu 26 kDa isozyme,WD repeat-containing protein 5'
2 water water
#
_entity_poly.entity_id   1
_entity_poly.type   'polypeptide(L)'
_entity_poly.pdbx_seq_one_letter_code
;MKHHHHHHNTSSNSMSPILGYWKIKGLVQPTRLLLEYLEEKYEEHLYERDEGDKWRNKKFELGLEFPNLPYYIDGDVKLT
QSMAIIRYIADKHNMLGGCPKERAEISMLEGAVLDIRYGVSRIAYSKDFETLKVDFLSKLPEMLKMFEDRLCHKTYLNGD
HVTHPDFMLYDALDVVLYMDPMCLDAFPKLVCFKKRIEAIPQIDKYLKSSKYIAWPLQGWQATFGGGDHPPKSDLEVLFQ
GPSATQSKPTPVKPNYALKFTLAGHTKAVSSVKFSPNGEWLASSSADKLIKIWGAYDGKFEKTISGHKLGISDVAWSSDS
NLLVSASDDKTLKIWDVSSGKCLKTLKGHSNYVFCCNFNPQSNLIVSGSFDESVRIWDVKTGKCLKTLPAHSDPVSAVHF
NRDGSLIVSSSYDGLCRIWDTASGQCLKTLIDDDNPPVSFVKFSPAGKYILAATLDNTLKLWDYSKGKCLKTYTGHKNEK
YCIFANFSVTGGKWIVSGSEDNLVYIWNLQTKEIVQKLQGHTDVVISTACHPTENIIASAALENDKTIKLWKSDC
;
_entity_poly.pdbx_strand_id   A
#
# COMPACT_ATOMS: atom_id res chain seq x y z
N LYS A 253 -14.70 20.84 -2.64
CA LYS A 253 -14.40 19.69 -3.51
C LYS A 253 -13.10 19.93 -4.27
N PRO A 254 -12.31 18.87 -4.54
CA PRO A 254 -11.08 19.01 -5.34
C PRO A 254 -11.41 19.06 -6.83
N ASN A 255 -10.42 19.38 -7.64
CA ASN A 255 -10.58 19.35 -9.11
C ASN A 255 -9.35 18.72 -9.73
N TYR A 256 -9.13 17.45 -9.39
CA TYR A 256 -8.05 16.64 -9.98
C TYR A 256 -8.30 16.50 -11.48
N ALA A 257 -7.28 16.84 -12.22
CA ALA A 257 -7.28 16.74 -13.68
C ALA A 257 -6.07 15.94 -14.13
N LEU A 258 -6.24 15.16 -15.19
CA LEU A 258 -5.16 14.30 -15.69
C LEU A 258 -4.01 15.17 -16.20
N LYS A 259 -2.77 14.92 -15.77
CA LYS A 259 -1.60 15.66 -16.26
C LYS A 259 -0.68 14.77 -17.10
N PHE A 260 -0.43 13.55 -16.67
CA PHE A 260 0.53 12.66 -17.35
C PHE A 260 0.05 11.21 -17.27
N THR A 261 0.36 10.44 -18.30
CA THR A 261 0.17 8.98 -18.33
C THR A 261 1.53 8.36 -18.51
N LEU A 262 1.85 7.39 -17.68
CA LEU A 262 3.19 6.80 -17.57
C LEU A 262 3.10 5.36 -18.08
N ALA A 263 3.66 5.09 -19.25
CA ALA A 263 3.69 3.75 -19.86
C ALA A 263 5.06 3.14 -19.70
N GLY A 264 5.12 1.86 -19.40
CA GLY A 264 6.38 1.14 -19.41
C GLY A 264 6.30 -0.26 -18.87
N HIS A 265 5.47 -0.44 -17.86
CA HIS A 265 5.31 -1.81 -17.36
C HIS A 265 4.69 -2.70 -18.44
N THR A 266 5.04 -3.97 -18.45
CA THR A 266 4.57 -4.91 -19.51
C THR A 266 3.53 -5.90 -18.96
N LYS A 267 3.15 -5.78 -17.69
CA LYS A 267 2.03 -6.53 -17.11
C LYS A 267 1.32 -5.59 -16.15
N ALA A 268 0.29 -6.10 -15.48
CA ALA A 268 -0.47 -5.36 -14.47
C ALA A 268 0.50 -4.62 -13.54
N VAL A 269 0.15 -3.38 -13.24
CA VAL A 269 0.84 -2.63 -12.16
C VAL A 269 0.26 -3.15 -10.85
N SER A 270 1.04 -3.21 -9.78
CA SER A 270 0.56 -3.71 -8.48
C SER A 270 0.56 -2.62 -7.41
N SER A 271 1.46 -1.65 -7.47
CA SER A 271 1.51 -0.61 -6.42
C SER A 271 2.19 0.64 -6.97
N VAL A 272 1.79 1.81 -6.49
CA VAL A 272 2.52 3.07 -6.73
C VAL A 272 2.67 3.76 -5.39
N LYS A 273 3.85 4.36 -5.19
CA LYS A 273 4.16 5.07 -3.93
C LYS A 273 5.03 6.28 -4.23
N PHE A 274 4.70 7.43 -3.64
CA PHE A 274 5.54 8.63 -3.78
C PHE A 274 6.66 8.56 -2.75
N SER A 275 7.86 8.96 -3.10
CA SER A 275 8.92 9.13 -2.10
C SER A 275 8.52 10.19 -1.07
N PRO A 276 8.89 10.00 0.19
CA PRO A 276 8.57 10.99 1.21
C PRO A 276 9.08 12.39 0.88
N ASN A 277 10.18 12.49 0.15
CA ASN A 277 10.80 13.80 -0.19
C ASN A 277 10.09 14.44 -1.39
N GLY A 278 9.09 13.75 -1.96
CA GLY A 278 8.26 14.36 -3.05
C GLY A 278 8.85 14.26 -4.42
N GLU A 279 10.08 13.74 -4.57
CA GLU A 279 10.76 13.85 -5.88
C GLU A 279 10.31 12.75 -6.83
N TRP A 280 9.97 11.57 -6.30
CA TRP A 280 9.88 10.35 -7.14
C TRP A 280 8.56 9.62 -6.92
N LEU A 281 8.18 8.86 -7.94
CA LEU A 281 7.14 7.82 -7.82
C LEU A 281 7.83 6.49 -8.07
N ALA A 282 7.62 5.48 -7.22
CA ALA A 282 8.03 4.08 -7.46
C ALA A 282 6.79 3.26 -7.81
N SER A 283 6.91 2.41 -8.83
CA SER A 283 5.86 1.45 -9.21
C SER A 283 6.44 0.05 -9.18
N SER A 284 5.60 -0.91 -8.80
CA SER A 284 5.89 -2.35 -8.91
C SER A 284 4.87 -3.01 -9.86
N SER A 285 5.23 -4.15 -10.39
CA SER A 285 4.37 -4.82 -11.38
C SER A 285 4.55 -6.33 -11.32
N ALA A 286 3.53 -7.00 -11.80
CA ALA A 286 3.59 -8.42 -12.18
C ALA A 286 4.67 -8.71 -13.22
N ASP A 287 5.23 -7.70 -13.87
CA ASP A 287 6.36 -7.90 -14.82
C ASP A 287 7.71 -8.08 -14.10
N LYS A 288 7.71 -8.15 -12.76
CA LYS A 288 8.89 -8.45 -11.92
C LYS A 288 9.78 -7.22 -11.73
N LEU A 289 9.34 -6.05 -12.21
CA LEU A 289 10.17 -4.84 -12.19
C LEU A 289 9.59 -3.80 -11.25
N ILE A 290 10.51 -2.98 -10.74
CA ILE A 290 10.21 -1.71 -10.10
C ILE A 290 10.61 -0.61 -11.07
N LYS A 291 9.77 0.39 -11.26
CA LYS A 291 10.18 1.57 -12.05
C LYS A 291 10.12 2.82 -11.19
N ILE A 292 11.01 3.75 -11.49
CA ILE A 292 11.08 5.07 -10.82
C ILE A 292 10.71 6.10 -11.87
N TRP A 293 9.91 7.06 -11.47
CA TRP A 293 9.41 8.13 -12.34
C TRP A 293 9.53 9.47 -11.62
N GLY A 294 9.71 10.56 -12.35
CA GLY A 294 9.61 11.89 -11.73
C GLY A 294 8.20 12.18 -11.23
N ALA A 295 8.05 12.60 -9.97
CA ALA A 295 6.73 12.82 -9.35
C ALA A 295 5.99 14.00 -10.02
N TYR A 296 6.70 14.99 -10.55
CA TYR A 296 6.09 16.27 -10.99
C TYR A 296 5.90 16.27 -12.50
N ASP A 297 6.75 15.60 -13.27
CA ASP A 297 6.68 15.63 -14.75
C ASP A 297 6.35 14.24 -15.31
N GLY A 298 6.27 13.21 -14.46
CA GLY A 298 6.02 11.82 -14.90
C GLY A 298 7.14 11.23 -15.75
N LYS A 299 8.33 11.85 -15.75
CA LYS A 299 9.40 11.42 -16.66
C LYS A 299 10.03 10.12 -16.14
N PHE A 300 10.10 9.10 -16.97
CA PHE A 300 10.75 7.81 -16.61
C PHE A 300 12.18 8.08 -16.14
N GLU A 301 12.57 7.48 -15.03
CA GLU A 301 13.92 7.61 -14.48
C GLU A 301 14.73 6.33 -14.71
N LYS A 302 14.28 5.18 -14.20
CA LYS A 302 14.99 3.91 -14.38
C LYS A 302 14.19 2.73 -13.84
N THR A 303 14.66 1.57 -14.21
CA THR A 303 14.10 0.25 -13.86
C THR A 303 15.03 -0.44 -12.86
N ILE A 304 14.45 -0.99 -11.79
CA ILE A 304 15.19 -1.78 -10.78
C ILE A 304 14.70 -3.22 -10.89
N SER A 305 15.64 -4.09 -11.22
CA SER A 305 15.40 -5.48 -11.61
C SER A 305 16.11 -6.43 -10.65
N GLY A 306 15.53 -7.63 -10.51
CA GLY A 306 16.18 -8.71 -9.80
C GLY A 306 15.20 -9.73 -9.24
N HIS A 307 13.97 -9.36 -8.98
CA HIS A 307 13.00 -10.39 -8.53
C HIS A 307 12.79 -11.41 -9.64
N LYS A 308 12.53 -12.65 -9.24
CA LYS A 308 12.37 -13.75 -10.19
C LYS A 308 10.92 -13.94 -10.62
N LEU A 309 9.95 -13.38 -9.90
CA LEU A 309 8.51 -13.48 -10.18
C LEU A 309 7.89 -12.12 -9.87
N GLY A 310 6.60 -12.01 -10.10
CA GLY A 310 5.92 -10.71 -10.02
C GLY A 310 6.05 -10.11 -8.63
N ILE A 311 5.95 -8.80 -8.60
CA ILE A 311 6.01 -8.04 -7.32
C ILE A 311 4.61 -7.52 -7.00
N SER A 312 4.21 -7.64 -5.74
CA SER A 312 2.88 -7.21 -5.27
C SER A 312 2.91 -5.83 -4.61
N ASP A 313 4.06 -5.43 -4.08
CA ASP A 313 4.14 -4.19 -3.28
C ASP A 313 5.58 -3.68 -3.25
N VAL A 314 5.70 -2.37 -3.12
CA VAL A 314 7.01 -1.67 -2.96
C VAL A 314 6.75 -0.54 -1.95
N ALA A 315 7.75 -0.18 -1.17
CA ALA A 315 7.57 0.90 -0.17
C ALA A 315 8.91 1.60 0.02
N TRP A 316 8.84 2.88 0.28
CA TRP A 316 10.00 3.74 0.53
C TRP A 316 10.42 3.73 1.99
N SER A 317 11.72 3.93 2.23
CA SER A 317 12.17 4.29 3.57
C SER A 317 11.82 5.77 3.81
N SER A 318 11.85 6.18 5.07
CA SER A 318 11.34 7.55 5.39
C SER A 318 12.29 8.62 4.83
N ASP A 319 13.55 8.29 4.58
CA ASP A 319 14.55 9.25 4.01
C ASP A 319 14.64 9.16 2.49
N SER A 320 13.73 8.42 1.85
CA SER A 320 13.68 8.29 0.38
C SER A 320 14.92 7.59 -0.18
N ASN A 321 15.79 7.00 0.61
CA ASN A 321 17.03 6.41 0.07
C ASN A 321 16.82 4.96 -0.36
N LEU A 322 15.89 4.24 0.25
CA LEU A 322 15.72 2.79 0.06
C LEU A 322 14.31 2.47 -0.38
N LEU A 323 14.18 1.36 -1.07
CA LEU A 323 12.89 0.71 -1.33
C LEU A 323 12.93 -0.68 -0.72
N VAL A 324 11.78 -1.18 -0.34
CA VAL A 324 11.60 -2.62 -0.09
C VAL A 324 10.48 -3.11 -1.02
N SER A 325 10.65 -4.29 -1.59
CA SER A 325 9.65 -4.90 -2.49
C SER A 325 9.29 -6.31 -1.96
N ALA A 326 8.05 -6.72 -2.22
CA ALA A 326 7.51 -8.04 -1.80
C ALA A 326 7.11 -8.81 -3.09
N SER A 327 7.59 -10.03 -3.26
CA SER A 327 7.45 -10.77 -4.53
C SER A 327 6.85 -12.17 -4.35
N ASP A 328 6.24 -12.67 -5.42
CA ASP A 328 5.82 -14.08 -5.52
C ASP A 328 7.02 -15.02 -5.46
N ASP A 329 8.25 -14.52 -5.64
CA ASP A 329 9.45 -15.38 -5.53
C ASP A 329 9.74 -15.69 -4.06
N LYS A 330 8.89 -15.25 -3.11
CA LYS A 330 8.92 -15.59 -1.67
C LYS A 330 9.96 -14.78 -0.92
N THR A 331 10.53 -13.77 -1.59
CA THR A 331 11.50 -12.85 -1.00
C THR A 331 10.96 -11.44 -0.91
N LEU A 332 11.58 -10.69 0.01
CA LEU A 332 11.62 -9.23 -0.13
C LEU A 332 13.03 -8.83 -0.53
N LYS A 333 13.15 -7.70 -1.22
CA LYS A 333 14.47 -7.13 -1.51
C LYS A 333 14.51 -5.68 -1.00
N ILE A 334 15.65 -5.31 -0.45
CA ILE A 334 15.94 -3.93 -0.01
C ILE A 334 16.89 -3.35 -1.05
N TRP A 335 16.51 -2.22 -1.59
CA TRP A 335 17.19 -1.59 -2.73
C TRP A 335 17.73 -0.24 -2.30
N ASP A 336 18.94 0.07 -2.72
CA ASP A 336 19.47 1.45 -2.67
C ASP A 336 18.98 2.14 -3.94
N VAL A 337 18.06 3.09 -3.86
CA VAL A 337 17.44 3.67 -5.07
C VAL A 337 18.49 4.40 -5.92
N SER A 338 19.41 5.16 -5.34
CA SER A 338 20.36 5.96 -6.16
C SER A 338 21.22 5.04 -7.01
N SER A 339 21.69 3.92 -6.47
CA SER A 339 22.65 3.04 -7.18
C SER A 339 21.89 1.97 -7.94
N GLY A 340 20.68 1.63 -7.53
CA GLY A 340 19.93 0.44 -8.03
C GLY A 340 20.35 -0.85 -7.38
N LYS A 341 21.33 -0.83 -6.50
CA LYS A 341 21.85 -2.06 -5.82
C LYS A 341 20.79 -2.76 -4.98
N CYS A 342 20.77 -4.10 -5.04
CA CYS A 342 19.99 -4.91 -4.08
C CYS A 342 20.86 -5.07 -2.84
N LEU A 343 20.55 -4.38 -1.76
CA LEU A 343 21.40 -4.42 -0.56
C LEU A 343 21.23 -5.76 0.16
N LYS A 344 20.01 -6.25 0.23
CA LYS A 344 19.68 -7.50 0.94
C LYS A 344 18.50 -8.16 0.26
N THR A 345 18.49 -9.47 0.31
CA THR A 345 17.34 -10.32 -0.06
C THR A 345 16.88 -11.00 1.20
N LEU A 346 15.61 -10.78 1.56
CA LEU A 346 15.04 -11.25 2.85
C LEU A 346 14.30 -12.56 2.56
N LYS A 347 14.89 -13.65 3.04
CA LYS A 347 14.39 -15.01 2.80
C LYS A 347 13.91 -15.62 4.10
N GLY A 348 12.71 -16.21 4.06
CA GLY A 348 12.15 -16.83 5.27
C GLY A 348 10.68 -17.13 5.10
N HIS A 349 9.93 -16.31 4.39
CA HIS A 349 8.51 -16.67 4.13
C HIS A 349 8.43 -17.96 3.31
N SER A 350 7.44 -18.80 3.58
CA SER A 350 7.29 -20.10 2.89
C SER A 350 6.35 -20.02 1.70
N ASN A 351 5.78 -18.84 1.42
CA ASN A 351 4.94 -18.60 0.24
C ASN A 351 5.04 -17.14 -0.19
N TYR A 352 4.26 -16.76 -1.20
CA TYR A 352 4.35 -15.44 -1.85
C TYR A 352 4.37 -14.37 -0.76
N VAL A 353 5.20 -13.36 -0.93
CA VAL A 353 5.15 -12.14 -0.06
C VAL A 353 4.25 -11.14 -0.72
N PHE A 354 3.26 -10.62 0.00
N PHE A 354 3.23 -10.66 0.00
CA PHE A 354 2.20 -9.80 -0.63
CA PHE A 354 2.14 -9.84 -0.59
C PHE A 354 2.36 -8.32 -0.28
C PHE A 354 2.21 -8.36 -0.20
N CYS A 355 2.92 -8.03 0.87
CA CYS A 355 2.86 -6.64 1.40
C CYS A 355 4.10 -6.34 2.22
N CYS A 356 4.47 -5.08 2.27
CA CYS A 356 5.68 -4.70 3.02
C CYS A 356 5.67 -3.21 3.39
N ASN A 357 6.46 -2.87 4.40
CA ASN A 357 6.66 -1.47 4.80
C ASN A 357 7.86 -1.39 5.70
N PHE A 358 8.55 -0.25 5.66
CA PHE A 358 9.53 0.12 6.71
C PHE A 358 8.78 0.69 7.92
N ASN A 359 9.44 0.59 9.08
CA ASN A 359 9.00 1.39 10.26
C ASN A 359 9.46 2.82 10.07
N PRO A 360 8.97 3.75 10.92
CA PRO A 360 9.31 5.15 10.79
C PRO A 360 10.81 5.44 10.80
N GLN A 361 11.60 4.69 11.57
CA GLN A 361 13.08 4.84 11.67
C GLN A 361 13.79 4.06 10.59
N SER A 362 12.96 3.41 9.76
CA SER A 362 13.47 2.71 8.58
C SER A 362 14.64 1.77 8.98
N ASN A 363 14.69 1.28 10.25
CA ASN A 363 15.59 0.20 10.76
C ASN A 363 14.96 -1.21 10.73
N LEU A 364 13.61 -1.27 10.54
CA LEU A 364 12.89 -2.55 10.47
C LEU A 364 12.00 -2.50 9.22
N ILE A 365 11.79 -3.71 8.73
CA ILE A 365 10.76 -3.96 7.70
C ILE A 365 9.75 -4.94 8.29
N VAL A 366 8.49 -4.69 7.97
CA VAL A 366 7.41 -5.68 8.24
C VAL A 366 6.91 -6.22 6.88
N SER A 367 6.56 -7.50 6.85
CA SER A 367 6.08 -8.18 5.64
C SER A 367 4.91 -9.08 5.98
N GLY A 368 4.02 -9.26 5.04
CA GLY A 368 2.95 -10.23 5.16
C GLY A 368 2.92 -11.14 3.97
N SER A 369 2.45 -12.36 4.12
CA SER A 369 2.58 -13.41 3.11
C SER A 369 1.33 -14.27 2.96
N PHE A 370 1.23 -14.91 1.81
N PHE A 370 1.20 -14.92 1.81
CA PHE A 370 0.29 -16.03 1.57
CA PHE A 370 0.26 -16.06 1.60
C PHE A 370 0.53 -17.18 2.55
C PHE A 370 0.48 -17.12 2.66
N ASP A 371 1.68 -17.21 3.24
CA ASP A 371 1.96 -18.20 4.31
C ASP A 371 1.30 -17.87 5.65
N GLU A 372 0.51 -16.81 5.69
CA GLU A 372 -0.43 -16.44 6.79
C GLU A 372 0.33 -15.84 7.97
N SER A 373 1.62 -15.53 7.77
CA SER A 373 2.46 -14.91 8.79
C SER A 373 2.79 -13.46 8.45
N VAL A 374 3.20 -12.78 9.50
CA VAL A 374 3.81 -11.45 9.51
C VAL A 374 5.26 -11.61 9.99
N ARG A 375 6.21 -11.14 9.21
CA ARG A 375 7.62 -11.18 9.67
C ARG A 375 8.15 -9.77 9.89
N ILE A 376 9.10 -9.65 10.82
CA ILE A 376 9.74 -8.36 11.15
C ILE A 376 11.21 -8.60 10.92
N TRP A 377 11.82 -7.75 10.11
CA TRP A 377 13.22 -7.95 9.67
C TRP A 377 14.07 -6.75 10.06
N ASP A 378 15.35 -7.05 10.37
CA ASP A 378 16.38 -5.97 10.55
C ASP A 378 16.90 -5.49 9.18
N VAL A 379 16.75 -4.21 8.93
CA VAL A 379 17.13 -3.56 7.64
C VAL A 379 18.64 -3.75 7.42
N LYS A 380 19.45 -3.46 8.42
CA LYS A 380 20.92 -3.36 8.17
C LYS A 380 21.49 -4.77 7.95
N THR A 381 21.02 -5.78 8.67
CA THR A 381 21.56 -7.16 8.57
C THR A 381 20.76 -8.04 7.60
N GLY A 382 19.53 -7.65 7.26
CA GLY A 382 18.64 -8.43 6.39
C GLY A 382 18.11 -9.68 7.08
N LYS A 383 18.24 -9.78 8.40
CA LYS A 383 17.81 -11.02 9.10
C LYS A 383 16.42 -10.81 9.72
N CYS A 384 15.70 -11.92 9.81
CA CYS A 384 14.36 -11.95 10.40
C CYS A 384 14.45 -11.96 11.93
N LEU A 385 13.81 -11.02 12.59
CA LEU A 385 13.86 -10.84 14.08
C LEU A 385 12.69 -11.62 14.69
N LYS A 386 11.54 -11.67 14.03
CA LYS A 386 10.35 -12.32 14.60
C LYS A 386 9.42 -12.81 13.49
N THR A 387 8.80 -13.94 13.69
CA THR A 387 7.72 -14.44 12.82
C THR A 387 6.45 -14.48 13.68
N LEU A 388 5.40 -13.79 13.26
CA LEU A 388 4.11 -13.76 14.00
C LEU A 388 3.14 -14.68 13.27
N PRO A 389 2.55 -15.68 13.98
CA PRO A 389 1.58 -16.57 13.39
C PRO A 389 0.23 -15.82 13.41
N ALA A 390 0.12 -14.85 12.51
CA ALA A 390 -0.79 -13.71 12.62
C ALA A 390 -2.22 -14.06 12.21
N HIS A 391 -2.38 -14.81 11.14
CA HIS A 391 -3.69 -14.98 10.46
C HIS A 391 -3.91 -16.45 10.05
N SER A 392 -5.08 -16.73 9.48
CA SER A 392 -5.42 -18.07 8.98
C SER A 392 -5.72 -18.04 7.49
N ASP A 393 -5.26 -17.02 6.77
CA ASP A 393 -5.41 -16.84 5.33
C ASP A 393 -4.36 -15.82 4.95
N PRO A 394 -4.15 -15.57 3.66
CA PRO A 394 -3.11 -14.64 3.24
C PRO A 394 -3.25 -13.27 3.91
N VAL A 395 -2.11 -12.70 4.19
CA VAL A 395 -1.99 -11.36 4.81
C VAL A 395 -1.93 -10.31 3.70
N SER A 396 -2.89 -9.40 3.64
CA SER A 396 -3.08 -8.50 2.50
C SER A 396 -2.33 -7.19 2.70
N ALA A 397 -2.10 -6.75 3.93
CA ALA A 397 -1.44 -5.47 4.21
C ALA A 397 -0.80 -5.53 5.60
N VAL A 398 0.25 -4.76 5.77
CA VAL A 398 1.00 -4.59 7.02
C VAL A 398 1.52 -3.14 7.06
N HIS A 399 1.45 -2.53 8.23
CA HIS A 399 1.80 -1.10 8.36
C HIS A 399 2.21 -0.82 9.81
N PHE A 400 3.23 -0.03 9.99
CA PHE A 400 3.63 0.40 11.35
C PHE A 400 2.87 1.67 11.69
N ASN A 401 2.60 1.88 12.98
CA ASN A 401 2.03 3.15 13.45
C ASN A 401 3.11 4.25 13.54
N ARG A 402 2.73 5.41 14.07
CA ARG A 402 3.52 6.64 13.88
C ARG A 402 4.87 6.53 14.58
N ASP A 403 4.98 5.82 15.71
CA ASP A 403 6.28 5.65 16.43
C ASP A 403 6.89 4.25 16.23
N GLY A 404 6.33 3.36 15.41
CA GLY A 404 6.81 2.01 15.20
C GLY A 404 6.53 1.00 16.28
N SER A 405 5.82 1.39 17.36
CA SER A 405 5.61 0.44 18.47
C SER A 405 4.52 -0.59 18.17
N LEU A 406 3.71 -0.34 17.13
CA LEU A 406 2.58 -1.24 16.76
C LEU A 406 2.71 -1.54 15.25
N ILE A 407 2.21 -2.71 14.93
CA ILE A 407 1.95 -3.13 13.53
C ILE A 407 0.47 -3.40 13.41
N VAL A 408 -0.14 -2.98 12.31
CA VAL A 408 -1.47 -3.49 11.93
C VAL A 408 -1.33 -4.39 10.73
N SER A 409 -2.05 -5.50 10.74
CA SER A 409 -2.11 -6.48 9.63
C SER A 409 -3.56 -6.71 9.27
N SER A 410 -3.79 -7.00 8.03
CA SER A 410 -5.12 -7.42 7.53
C SER A 410 -4.99 -8.70 6.73
N SER A 411 -6.09 -9.43 6.67
CA SER A 411 -6.09 -10.77 6.06
C SER A 411 -7.43 -11.09 5.42
N TYR A 412 -7.34 -11.98 4.45
CA TYR A 412 -8.51 -12.62 3.83
C TYR A 412 -9.30 -13.42 4.86
N ASP A 413 -8.76 -13.70 6.03
CA ASP A 413 -9.49 -14.39 7.14
C ASP A 413 -10.54 -13.46 7.74
N GLY A 414 -10.61 -12.20 7.32
CA GLY A 414 -11.64 -11.25 7.78
C GLY A 414 -11.23 -10.41 8.96
N LEU A 415 -9.98 -10.52 9.39
CA LEU A 415 -9.51 -9.81 10.57
C LEU A 415 -8.53 -8.71 10.22
N CYS A 416 -8.55 -7.68 11.03
CA CYS A 416 -7.37 -6.80 11.25
C CYS A 416 -6.83 -7.07 12.64
N ARG A 417 -5.52 -7.18 12.77
CA ARG A 417 -4.87 -7.38 14.08
C ARG A 417 -3.83 -6.32 14.33
N ILE A 418 -3.68 -5.96 15.58
CA ILE A 418 -2.64 -4.99 15.98
C ILE A 418 -1.67 -5.71 16.87
N TRP A 419 -0.40 -5.59 16.58
CA TRP A 419 0.70 -6.34 17.20
C TRP A 419 1.64 -5.37 17.90
N ASP A 420 2.16 -5.82 19.04
CA ASP A 420 3.29 -5.12 19.70
C ASP A 420 4.60 -5.47 18.99
N THR A 421 5.23 -4.48 18.40
CA THR A 421 6.44 -4.72 17.58
C THR A 421 7.51 -5.47 18.39
N ALA A 422 7.69 -5.06 19.65
CA ALA A 422 8.78 -5.59 20.49
C ALA A 422 8.49 -7.03 20.96
N SER A 423 7.28 -7.32 21.40
CA SER A 423 6.95 -8.62 22.00
C SER A 423 6.35 -9.61 20.98
N GLY A 424 5.77 -9.10 19.90
CA GLY A 424 5.00 -9.94 18.97
C GLY A 424 3.61 -10.29 19.52
N GLN A 425 3.18 -9.75 20.66
CA GLN A 425 1.85 -10.09 21.22
C GLN A 425 0.76 -9.48 20.36
N CYS A 426 -0.32 -10.24 20.20
CA CYS A 426 -1.55 -9.80 19.54
C CYS A 426 -2.32 -8.93 20.52
N LEU A 427 -2.34 -7.63 20.32
CA LEU A 427 -2.98 -6.66 21.24
C LEU A 427 -4.45 -6.45 20.93
N LYS A 428 -4.87 -6.63 19.68
CA LYS A 428 -6.26 -6.29 19.33
C LYS A 428 -6.62 -7.08 18.09
N THR A 429 -7.88 -7.49 18.00
CA THR A 429 -8.47 -8.03 16.78
C THR A 429 -9.70 -7.20 16.48
N LEU A 430 -9.81 -6.67 15.26
CA LEU A 430 -10.94 -5.84 14.83
C LEU A 430 -11.67 -6.54 13.68
N ILE A 431 -12.98 -6.57 13.80
CA ILE A 431 -13.94 -7.15 12.85
C ILE A 431 -15.29 -6.53 13.13
N ASP A 432 -16.05 -6.30 12.09
CA ASP A 432 -17.39 -5.65 12.22
C ASP A 432 -18.46 -6.74 12.16
N ASP A 433 -19.67 -6.41 11.73
CA ASP A 433 -20.84 -7.32 11.96
C ASP A 433 -20.88 -8.44 10.93
N ASP A 434 -20.06 -8.37 9.89
CA ASP A 434 -19.91 -9.39 8.84
C ASP A 434 -18.42 -9.73 8.76
N ASN A 435 -18.05 -10.79 8.04
CA ASN A 435 -16.66 -11.33 8.02
C ASN A 435 -16.08 -11.36 6.61
N PRO A 436 -16.26 -10.33 5.76
CA PRO A 436 -15.64 -10.36 4.44
C PRO A 436 -14.13 -10.29 4.53
N PRO A 437 -13.42 -10.82 3.52
CA PRO A 437 -11.96 -10.68 3.49
C PRO A 437 -11.55 -9.21 3.64
N VAL A 438 -10.49 -8.96 4.39
CA VAL A 438 -9.91 -7.61 4.54
C VAL A 438 -8.77 -7.55 3.55
N SER A 439 -8.80 -6.58 2.61
CA SER A 439 -7.88 -6.46 1.48
C SER A 439 -6.84 -5.39 1.69
N PHE A 440 -7.01 -4.54 2.68
CA PHE A 440 -6.04 -3.46 2.93
C PHE A 440 -6.27 -2.91 4.32
N VAL A 441 -5.21 -2.45 4.96
CA VAL A 441 -5.31 -1.63 6.18
C VAL A 441 -4.08 -0.73 6.29
N LYS A 442 -4.26 0.42 6.94
CA LYS A 442 -3.12 1.23 7.36
C LYS A 442 -3.54 2.13 8.52
N PHE A 443 -2.58 2.57 9.30
CA PHE A 443 -2.83 3.64 10.28
C PHE A 443 -3.00 4.99 9.60
N SER A 444 -3.81 5.85 10.22
CA SER A 444 -4.03 7.25 9.78
C SER A 444 -2.73 8.02 10.02
N PRO A 445 -2.55 9.16 9.35
CA PRO A 445 -1.25 9.84 9.36
C PRO A 445 -0.73 10.28 10.73
N ALA A 446 -1.63 10.62 11.63
CA ALA A 446 -1.30 10.92 13.04
C ALA A 446 -1.40 9.64 13.91
N GLY A 447 -1.96 8.56 13.36
CA GLY A 447 -2.06 7.26 14.03
C GLY A 447 -3.25 7.09 14.98
N LYS A 448 -4.24 7.99 15.05
CA LYS A 448 -5.44 7.80 15.92
C LYS A 448 -6.34 6.64 15.38
N TYR A 449 -6.33 6.43 14.08
CA TYR A 449 -7.33 5.58 13.40
C TYR A 449 -6.62 4.50 12.59
N ILE A 450 -7.37 3.49 12.14
CA ILE A 450 -6.93 2.65 10.99
C ILE A 450 -8.00 2.81 9.92
N LEU A 451 -7.59 2.71 8.68
CA LEU A 451 -8.44 2.69 7.47
C LEU A 451 -8.34 1.31 6.88
N ALA A 452 -9.45 0.59 6.73
CA ALA A 452 -9.46 -0.80 6.26
C ALA A 452 -10.43 -0.94 5.10
N ALA A 453 -10.02 -1.68 4.10
CA ALA A 453 -10.87 -2.08 2.96
C ALA A 453 -11.29 -3.51 3.15
N THR A 454 -12.56 -3.81 2.85
CA THR A 454 -13.09 -5.17 2.80
C THR A 454 -13.67 -5.43 1.41
N LEU A 455 -13.74 -6.70 1.03
CA LEU A 455 -14.15 -7.08 -0.35
C LEU A 455 -15.66 -7.20 -0.41
N ASP A 456 -16.31 -6.23 0.21
CA ASP A 456 -17.75 -6.01 0.12
C ASP A 456 -17.96 -4.54 -0.25
N ASN A 457 -17.05 -3.95 -1.03
CA ASN A 457 -17.22 -2.58 -1.60
C ASN A 457 -17.26 -1.52 -0.49
N THR A 458 -16.40 -1.64 0.51
CA THR A 458 -16.50 -0.85 1.75
C THR A 458 -15.11 -0.46 2.25
N LEU A 459 -14.93 0.83 2.53
CA LEU A 459 -13.78 1.33 3.31
C LEU A 459 -14.33 1.72 4.67
N LYS A 460 -13.56 1.48 5.70
CA LYS A 460 -13.97 1.82 7.08
C LYS A 460 -12.83 2.52 7.78
N LEU A 461 -13.19 3.56 8.53
CA LEU A 461 -12.27 4.21 9.49
C LEU A 461 -12.60 3.75 10.90
N TRP A 462 -11.63 3.15 11.58
CA TRP A 462 -11.80 2.63 12.93
C TRP A 462 -11.01 3.48 13.91
N ASP A 463 -11.58 3.71 15.08
CA ASP A 463 -10.79 4.07 16.28
C ASP A 463 -10.31 2.76 16.86
N TYR A 464 -9.03 2.43 16.71
CA TYR A 464 -8.56 1.08 17.11
C TYR A 464 -8.40 1.02 18.62
N SER A 465 -8.25 2.15 19.32
CA SER A 465 -8.12 2.13 20.81
C SER A 465 -9.48 1.77 21.39
N LYS A 466 -10.57 2.35 20.87
CA LYS A 466 -11.97 2.09 21.28
C LYS A 466 -12.56 0.83 20.62
N GLY A 467 -11.96 0.34 19.52
CA GLY A 467 -12.44 -0.81 18.74
C GLY A 467 -13.75 -0.49 18.02
N LYS A 468 -13.95 0.75 17.56
CA LYS A 468 -15.25 1.16 16.99
C LYS A 468 -15.03 1.61 15.57
N CYS A 469 -15.94 1.24 14.68
CA CYS A 469 -16.00 1.80 13.32
C CYS A 469 -16.64 3.18 13.41
N LEU A 470 -15.96 4.22 12.99
CA LEU A 470 -16.46 5.61 13.10
C LEU A 470 -17.10 6.03 11.79
N LYS A 471 -16.53 5.64 10.66
CA LYS A 471 -16.98 6.13 9.33
C LYS A 471 -16.93 4.96 8.35
N THR A 472 -17.84 4.97 7.39
CA THR A 472 -17.75 4.07 6.23
C THR A 472 -17.80 4.90 4.97
N TYR A 473 -17.01 4.52 3.97
CA TYR A 473 -16.94 5.15 2.65
C TYR A 473 -17.37 4.09 1.65
N THR A 474 -18.43 4.41 0.90
CA THR A 474 -19.04 3.50 -0.08
C THR A 474 -19.37 4.23 -1.37
N GLY A 475 -19.67 3.43 -2.39
CA GLY A 475 -19.97 3.96 -3.73
C GLY A 475 -19.10 3.36 -4.80
N HIS A 476 -17.94 2.80 -4.45
CA HIS A 476 -17.00 2.23 -5.43
C HIS A 476 -17.24 0.74 -5.49
N LYS A 477 -16.48 0.08 -6.33
CA LYS A 477 -16.55 -1.37 -6.51
C LYS A 477 -15.26 -1.99 -6.02
N ASN A 478 -15.36 -2.90 -5.07
CA ASN A 478 -14.18 -3.65 -4.60
C ASN A 478 -14.62 -4.98 -4.00
N GLU A 479 -14.70 -6.00 -4.83
CA GLU A 479 -15.05 -7.37 -4.39
C GLU A 479 -13.96 -8.38 -4.68
N LYS A 480 -12.89 -8.04 -5.39
CA LYS A 480 -11.90 -9.04 -5.81
C LYS A 480 -10.47 -8.69 -5.44
N TYR A 481 -10.03 -7.46 -5.70
CA TYR A 481 -8.60 -7.10 -5.66
C TYR A 481 -8.21 -6.37 -4.38
N CYS A 482 -6.94 -6.45 -4.05
CA CYS A 482 -6.33 -5.76 -2.88
C CYS A 482 -5.99 -4.34 -3.34
N ILE A 483 -6.96 -3.45 -3.23
CA ILE A 483 -6.88 -2.02 -3.63
C ILE A 483 -6.48 -1.20 -2.41
N PHE A 484 -5.37 -0.48 -2.52
CA PHE A 484 -4.84 0.40 -1.48
C PHE A 484 -5.80 1.57 -1.33
N ALA A 485 -5.90 2.13 -0.17
CA ALA A 485 -6.57 3.44 -0.05
C ALA A 485 -5.65 4.41 0.68
N ASN A 486 -5.92 5.69 0.51
CA ASN A 486 -5.03 6.76 1.00
C ASN A 486 -5.78 7.81 1.77
N PHE A 487 -5.10 8.47 2.70
CA PHE A 487 -5.50 9.78 3.25
C PHE A 487 -4.81 10.86 2.45
N SER A 488 -5.59 11.72 1.81
CA SER A 488 -5.06 12.91 1.14
C SER A 488 -5.12 14.05 2.15
N VAL A 489 -3.98 14.71 2.39
CA VAL A 489 -3.79 15.70 3.49
C VAL A 489 -3.21 17.04 3.00
N THR A 490 -2.88 17.22 1.74
CA THR A 490 -2.14 18.41 1.25
C THR A 490 -3.10 19.58 1.06
N GLY A 491 -4.32 19.31 0.67
CA GLY A 491 -5.40 20.29 0.46
C GLY A 491 -6.58 19.94 1.34
N GLY A 492 -7.71 19.65 0.73
CA GLY A 492 -8.85 19.12 1.51
C GLY A 492 -8.46 17.82 2.18
N LYS A 493 -9.20 17.40 3.20
CA LYS A 493 -8.96 16.09 3.85
C LYS A 493 -9.84 15.03 3.18
N TRP A 494 -9.24 14.20 2.32
CA TRP A 494 -9.98 13.22 1.51
C TRP A 494 -9.56 11.79 1.86
N ILE A 495 -10.38 10.84 1.46
CA ILE A 495 -10.01 9.41 1.32
C ILE A 495 -9.96 9.17 -0.18
N VAL A 496 -8.94 8.47 -0.66
CA VAL A 496 -8.71 8.18 -2.10
C VAL A 496 -8.60 6.67 -2.26
N SER A 497 -9.23 6.11 -3.26
CA SER A 497 -9.12 4.68 -3.57
C SER A 497 -9.31 4.40 -5.03
N GLY A 498 -8.69 3.34 -5.51
CA GLY A 498 -9.07 2.77 -6.79
C GLY A 498 -10.37 2.03 -6.70
N SER A 499 -10.83 1.49 -7.81
CA SER A 499 -12.13 0.83 -7.90
C SER A 499 -12.13 -0.12 -9.10
N GLU A 500 -12.96 -1.15 -9.02
CA GLU A 500 -13.07 -2.21 -10.04
C GLU A 500 -13.98 -1.78 -11.19
N ASP A 501 -14.51 -0.56 -11.15
CA ASP A 501 -15.17 0.04 -12.33
C ASP A 501 -14.22 0.99 -13.04
N ASN A 502 -12.92 0.88 -12.78
CA ASN A 502 -11.89 1.59 -13.56
C ASN A 502 -11.76 3.07 -13.19
N LEU A 503 -12.33 3.49 -12.08
CA LEU A 503 -12.33 4.89 -11.62
C LEU A 503 -11.45 5.02 -10.37
N VAL A 504 -10.93 6.21 -10.14
CA VAL A 504 -10.43 6.67 -8.82
C VAL A 504 -11.59 7.36 -8.10
N TYR A 505 -11.86 6.98 -6.88
CA TYR A 505 -12.88 7.65 -6.03
C TYR A 505 -12.19 8.53 -5.00
N ILE A 506 -12.77 9.68 -4.71
CA ILE A 506 -12.33 10.64 -3.68
C ILE A 506 -13.53 11.02 -2.85
N TRP A 507 -13.40 10.80 -1.55
CA TRP A 507 -14.46 11.08 -0.57
C TRP A 507 -14.00 12.19 0.34
N ASN A 508 -14.96 12.96 0.85
CA ASN A 508 -14.70 13.81 2.03
C ASN A 508 -14.54 12.94 3.28
N LEU A 509 -13.38 13.02 3.96
CA LEU A 509 -13.08 12.17 5.14
C LEU A 509 -14.16 12.37 6.22
N GLN A 510 -14.56 13.61 6.48
CA GLN A 510 -15.49 13.91 7.59
C GLN A 510 -16.92 13.52 7.21
N THR A 511 -17.38 13.90 6.02
CA THR A 511 -18.80 13.81 5.66
C THR A 511 -19.09 12.47 4.98
N LYS A 512 -18.06 11.80 4.44
CA LYS A 512 -18.18 10.48 3.76
C LYS A 512 -18.83 10.62 2.37
N GLU A 513 -19.08 11.87 1.94
CA GLU A 513 -19.62 12.12 0.59
C GLU A 513 -18.53 11.88 -0.47
N ILE A 514 -18.92 11.33 -1.60
CA ILE A 514 -18.04 11.31 -2.80
C ILE A 514 -17.92 12.75 -3.32
N VAL A 515 -16.70 13.23 -3.50
CA VAL A 515 -16.43 14.60 -4.01
C VAL A 515 -15.88 14.58 -5.42
N GLN A 516 -15.30 13.49 -5.91
CA GLN A 516 -14.82 13.40 -7.30
C GLN A 516 -14.61 11.94 -7.70
N LYS A 517 -14.79 11.60 -8.97
CA LYS A 517 -14.40 10.33 -9.57
C LYS A 517 -13.51 10.68 -10.75
N LEU A 518 -12.39 9.99 -10.88
CA LEU A 518 -11.44 10.26 -11.97
C LEU A 518 -11.50 9.16 -13.02
N GLN A 519 -11.83 9.55 -14.25
CA GLN A 519 -12.06 8.63 -15.36
C GLN A 519 -10.84 8.67 -16.31
N GLY A 520 -10.44 7.51 -16.83
CA GLY A 520 -9.41 7.46 -17.87
C GLY A 520 -8.77 6.10 -17.98
N HIS A 521 -8.62 5.38 -16.88
CA HIS A 521 -8.07 4.01 -16.94
C HIS A 521 -9.04 3.07 -17.69
N THR A 522 -8.50 2.00 -18.23
CA THR A 522 -9.27 1.04 -19.06
C THR A 522 -9.37 -0.30 -18.36
N ASP A 523 -8.88 -0.37 -17.12
CA ASP A 523 -8.96 -1.59 -16.31
C ASP A 523 -9.02 -1.13 -14.86
N VAL A 524 -9.25 -2.09 -13.98
CA VAL A 524 -9.32 -1.89 -12.52
C VAL A 524 -8.19 -0.97 -12.10
N VAL A 525 -8.51 0.01 -11.27
CA VAL A 525 -7.50 0.86 -10.61
C VAL A 525 -7.09 0.19 -9.29
N ILE A 526 -5.92 -0.48 -9.29
CA ILE A 526 -5.39 -1.35 -8.23
C ILE A 526 -4.74 -0.55 -7.11
N SER A 527 -4.21 0.63 -7.42
CA SER A 527 -3.37 1.38 -6.46
C SER A 527 -3.45 2.86 -6.73
N THR A 528 -3.46 3.62 -5.65
CA THR A 528 -3.39 5.08 -5.70
C THR A 528 -2.37 5.50 -4.65
N ALA A 529 -1.82 6.68 -4.86
CA ALA A 529 -0.90 7.29 -3.89
C ALA A 529 -1.13 8.79 -3.93
N CYS A 530 -0.91 9.46 -2.80
CA CYS A 530 -1.07 10.93 -2.65
C CYS A 530 0.30 11.52 -2.36
N HIS A 531 0.66 12.56 -3.12
CA HIS A 531 1.96 13.24 -3.02
C HIS A 531 2.08 13.86 -1.64
N PRO A 532 3.28 13.88 -1.01
CA PRO A 532 3.38 14.34 0.37
C PRO A 532 3.23 15.84 0.52
N THR A 533 3.40 16.63 -0.54
CA THR A 533 3.34 18.12 -0.38
C THR A 533 2.41 18.79 -1.39
N GLU A 534 2.27 18.27 -2.58
CA GLU A 534 1.45 18.88 -3.65
C GLU A 534 0.16 18.10 -3.79
N ASN A 535 -0.86 18.76 -4.31
CA ASN A 535 -2.15 18.08 -4.54
C ASN A 535 -2.03 17.25 -5.81
N ILE A 536 -1.36 16.11 -5.71
CA ILE A 536 -1.07 15.21 -6.85
C ILE A 536 -1.45 13.79 -6.43
N ILE A 537 -2.21 13.11 -7.25
CA ILE A 537 -2.55 11.68 -7.05
C ILE A 537 -1.89 10.88 -8.17
N ALA A 538 -1.35 9.73 -7.85
CA ALA A 538 -0.90 8.70 -8.82
C ALA A 538 -1.92 7.57 -8.77
N SER A 539 -2.33 7.05 -9.91
CA SER A 539 -3.21 5.88 -10.01
C SER A 539 -2.58 4.84 -10.93
N ALA A 540 -2.87 3.58 -10.73
CA ALA A 540 -2.30 2.52 -11.58
C ALA A 540 -3.31 1.43 -11.81
N ALA A 541 -3.19 0.78 -12.94
CA ALA A 541 -4.25 -0.15 -13.37
C ALA A 541 -3.70 -1.52 -13.76
N LEU A 542 -4.64 -2.47 -13.85
CA LEU A 542 -4.34 -3.90 -14.08
C LEU A 542 -4.08 -4.19 -15.57
N GLU A 543 -3.95 -5.46 -15.92
CA GLU A 543 -3.28 -6.01 -17.13
C GLU A 543 -3.86 -5.41 -18.43
N ASN A 544 -5.14 -5.08 -18.47
CA ASN A 544 -5.69 -4.64 -19.77
C ASN A 544 -5.27 -3.20 -20.04
N ASP A 545 -4.72 -2.48 -19.05
CA ASP A 545 -4.36 -1.03 -19.13
C ASP A 545 -2.85 -0.87 -19.02
N LYS A 546 -2.23 -1.25 -17.90
CA LYS A 546 -0.77 -1.28 -17.68
C LYS A 546 -0.19 0.11 -17.47
N THR A 547 -1.01 1.15 -17.36
CA THR A 547 -0.48 2.52 -17.18
C THR A 547 -0.64 3.02 -15.74
N ILE A 548 0.13 4.02 -15.44
CA ILE A 548 0.09 4.89 -14.25
C ILE A 548 -0.39 6.25 -14.73
N LYS A 549 -1.23 6.93 -14.00
CA LYS A 549 -1.67 8.30 -14.32
C LYS A 549 -1.34 9.24 -13.17
N LEU A 550 -0.87 10.44 -13.48
CA LEU A 550 -0.68 11.54 -12.51
C LEU A 550 -1.77 12.60 -12.70
N TRP A 551 -2.41 12.95 -11.61
CA TRP A 551 -3.57 13.88 -11.60
C TRP A 551 -3.21 15.01 -10.65
N LYS A 552 -3.62 16.24 -10.94
CA LYS A 552 -3.29 17.39 -10.09
C LYS A 552 -4.54 18.25 -9.91
N SER A 553 -4.68 18.76 -8.70
CA SER A 553 -5.82 19.60 -8.27
C SER A 553 -5.33 21.00 -7.88
N ASP A 554 -6.09 22.05 -8.19
CA ASP A 554 -6.11 23.31 -7.41
C ASP A 554 -6.31 23.02 -5.92
#